data_2A2N
#
_entry.id   2A2N
#
_cell.length_a   139.658
_cell.length_b   39.893
_cell.length_c   115.638
_cell.angle_alpha   90.00
_cell.angle_beta   122.33
_cell.angle_gamma   90.00
#
_symmetry.space_group_name_H-M   'C 1 2 1'
#
loop_
_entity.id
_entity.type
_entity.pdbx_description
1 polymer 'peptidylprolyl isomerase domain and WD repeat containing 1'
2 non-polymer GLYCEROL
3 water water
#
_entity_poly.entity_id   1
_entity_poly.type   'polypeptide(L)'
_entity_poly.pdbx_seq_one_letter_code
;GSPSKEEVMAATQAEGPKRVSDSAIIHTSMGDIHTKLFPVECPKTVENFCVHSRNGYYNGHTFHRIIKGFMIQTGDPTGT
GMGGESIWGGEFEDEFHSTLRHDRPYTLSMANAGSNTNGSQFFITVVPTPWLDNKHTVFGRVTKGMEVVQRISNVKVNPK
TDKPYEDVSIINITVK
;
_entity_poly.pdbx_strand_id   A,B,C
#
loop_
_chem_comp.id
_chem_comp.type
_chem_comp.name
_chem_comp.formula
GOL non-polymer GLYCEROL 'C3 H8 O3'
#
# COMPACT_ATOMS: atom_id res chain seq x y z
N GLN A 13 2.58 -7.41 -24.71
CA GLN A 13 2.96 -7.90 -23.36
C GLN A 13 3.47 -9.34 -23.37
N ALA A 14 4.28 -9.66 -22.38
CA ALA A 14 4.85 -10.99 -22.31
C ALA A 14 3.74 -11.99 -21.99
N GLU A 15 3.94 -13.23 -22.42
CA GLU A 15 2.97 -14.28 -22.14
C GLU A 15 3.07 -14.72 -20.69
N GLY A 16 2.00 -15.38 -20.27
CA GLY A 16 2.07 -16.09 -19.03
C GLY A 16 0.99 -15.78 -18.05
N PRO A 17 0.82 -16.67 -17.07
CA PRO A 17 -0.25 -16.49 -16.10
C PRO A 17 0.13 -15.49 -15.03
N LYS A 18 -0.87 -14.86 -14.43
CA LYS A 18 -0.68 -13.88 -13.39
C LYS A 18 -1.51 -14.26 -12.16
N ARG A 19 -1.29 -13.52 -11.08
CA ARG A 19 -1.90 -13.77 -9.77
C ARG A 19 -2.56 -12.49 -9.26
N VAL A 20 -2.62 -11.46 -10.08
CA VAL A 20 -3.26 -10.19 -9.70
C VAL A 20 -4.74 -10.24 -10.09
N SER A 21 -5.50 -9.24 -9.66
CA SER A 21 -6.89 -9.10 -10.06
C SER A 21 -7.20 -7.62 -9.96
N ASP A 22 -8.29 -7.18 -10.58
CA ASP A 22 -8.61 -5.77 -10.44
C ASP A 22 -9.76 -5.52 -9.46
N SER A 23 -10.20 -6.56 -8.74
CA SER A 23 -11.16 -6.33 -7.66
C SER A 23 -11.16 -7.42 -6.62
N ALA A 24 -11.61 -7.02 -5.44
CA ALA A 24 -11.71 -7.91 -4.30
C ALA A 24 -12.83 -7.44 -3.38
N ILE A 25 -13.28 -8.34 -2.51
CA ILE A 25 -14.27 -7.98 -1.49
C ILE A 25 -13.65 -8.35 -0.15
N ILE A 26 -13.50 -7.36 0.72
CA ILE A 26 -13.00 -7.66 2.08
C ILE A 26 -14.22 -7.89 2.93
N HIS A 27 -14.38 -9.14 3.44
CA HIS A 27 -15.56 -9.49 4.24
C HIS A 27 -15.21 -9.25 5.70
N THR A 28 -15.73 -8.18 6.29
CA THR A 28 -15.38 -7.87 7.70
C THR A 28 -16.51 -8.26 8.63
N SER A 29 -16.22 -8.19 9.91
CA SER A 29 -17.20 -8.45 10.99
C SER A 29 -18.33 -7.40 11.04
N MET A 30 -18.16 -6.28 10.31
CA MET A 30 -19.23 -5.24 10.19
C MET A 30 -19.74 -5.01 8.77
N GLY A 31 -19.41 -5.92 7.85
CA GLY A 31 -19.92 -5.85 6.48
C GLY A 31 -18.85 -5.94 5.42
N ASP A 32 -19.29 -5.89 4.18
CA ASP A 32 -18.40 -6.11 3.03
C ASP A 32 -17.86 -4.80 2.46
N ILE A 33 -16.58 -4.80 2.18
CA ILE A 33 -15.94 -3.65 1.55
C ILE A 33 -15.46 -4.07 0.15
N HIS A 34 -16.09 -3.51 -0.89
CA HIS A 34 -15.74 -3.89 -2.29
C HIS A 34 -14.65 -2.96 -2.75
N THR A 35 -13.52 -3.50 -3.16
CA THR A 35 -12.35 -2.69 -3.56
C THR A 35 -11.94 -2.95 -4.99
N LYS A 36 -11.84 -1.86 -5.76
CA LYS A 36 -11.21 -1.89 -7.06
C LYS A 36 -9.72 -1.84 -6.78
N LEU A 37 -8.95 -2.63 -7.53
CA LEU A 37 -7.50 -2.63 -7.38
C LEU A 37 -6.81 -2.10 -8.65
N PHE A 38 -5.55 -1.67 -8.50
CA PHE A 38 -4.78 -1.04 -9.58
C PHE A 38 -3.54 -1.87 -9.99
N PRO A 39 -3.74 -3.08 -10.56
CA PRO A 39 -2.57 -3.93 -10.81
C PRO A 39 -1.67 -3.47 -11.96
N VAL A 40 -2.19 -2.66 -12.88
CA VAL A 40 -1.33 -2.15 -13.95
C VAL A 40 -0.28 -1.21 -13.34
N GLU A 41 -0.74 -0.23 -12.56
CA GLU A 41 0.14 0.75 -11.90
C GLU A 41 0.98 0.15 -10.77
N CYS A 42 0.37 -0.74 -9.99
CA CYS A 42 1.05 -1.29 -8.80
C CYS A 42 1.06 -2.82 -8.81
N PRO A 43 1.77 -3.43 -9.76
CA PRO A 43 1.69 -4.88 -9.89
C PRO A 43 2.19 -5.68 -8.69
N LYS A 44 3.30 -5.25 -8.09
CA LYS A 44 3.85 -5.97 -6.96
C LYS A 44 2.89 -5.86 -5.75
N THR A 45 2.35 -4.67 -5.54
CA THR A 45 1.47 -4.39 -4.39
C THR A 45 0.14 -5.17 -4.54
N VAL A 46 -0.43 -5.15 -5.74
CA VAL A 46 -1.67 -5.91 -5.94
C VAL A 46 -1.41 -7.42 -5.87
N GLU A 47 -0.29 -7.89 -6.42
CA GLU A 47 0.03 -9.30 -6.31
C GLU A 47 0.17 -9.72 -4.84
N ASN A 48 0.92 -8.94 -4.07
CA ASN A 48 1.09 -9.26 -2.63
C ASN A 48 -0.27 -9.38 -1.95
N PHE A 49 -1.14 -8.40 -2.22
CA PHE A 49 -2.42 -8.33 -1.55
C PHE A 49 -3.29 -9.52 -2.01
N CYS A 50 -3.32 -9.77 -3.32
CA CYS A 50 -4.18 -10.83 -3.89
C CYS A 50 -3.74 -12.21 -3.42
N VAL A 51 -2.43 -12.45 -3.43
CA VAL A 51 -1.92 -13.76 -3.03
C VAL A 51 -2.14 -13.99 -1.52
N HIS A 52 -1.84 -12.98 -0.70
CA HIS A 52 -2.15 -13.11 0.73
C HIS A 52 -3.65 -13.42 0.92
N SER A 53 -4.50 -12.69 0.19
CA SER A 53 -5.97 -12.81 0.34
C SER A 53 -6.42 -14.24 0.00
N ARG A 54 -6.01 -14.75 -1.16
CA ARG A 54 -6.42 -16.11 -1.58
C ARG A 54 -5.88 -17.19 -0.64
N ASN A 55 -4.68 -16.94 -0.11
CA ASN A 55 -4.03 -17.83 0.82
C ASN A 55 -4.70 -17.83 2.19
N GLY A 56 -5.62 -16.90 2.44
CA GLY A 56 -6.24 -16.79 3.78
C GLY A 56 -5.33 -16.12 4.83
N TYR A 57 -4.29 -15.44 4.36
CA TYR A 57 -3.29 -14.81 5.31
C TYR A 57 -3.96 -13.74 6.15
N TYR A 58 -4.98 -13.05 5.59
CA TYR A 58 -5.62 -11.95 6.33
C TYR A 58 -6.82 -12.41 7.17
N ASN A 59 -7.12 -13.71 7.07
CA ASN A 59 -8.32 -14.22 7.74
C ASN A 59 -8.17 -14.07 9.25
N GLY A 60 -9.12 -13.37 9.85
CA GLY A 60 -9.17 -13.14 11.29
C GLY A 60 -8.34 -11.97 11.79
N HIS A 61 -7.60 -11.29 10.90
CA HIS A 61 -6.88 -10.08 11.29
C HIS A 61 -7.85 -9.04 11.85
N THR A 62 -7.38 -8.28 12.84
CA THR A 62 -8.16 -7.19 13.41
C THR A 62 -7.82 -5.86 12.71
N PHE A 63 -8.73 -4.87 12.81
CA PHE A 63 -8.35 -3.51 12.47
C PHE A 63 -7.75 -2.93 13.74
N HIS A 64 -6.43 -3.01 13.84
CA HIS A 64 -5.79 -2.81 15.15
C HIS A 64 -5.55 -1.32 15.48
N ARG A 65 -5.69 -0.47 14.46
CA ARG A 65 -5.49 0.98 14.60
C ARG A 65 -6.58 1.65 13.80
N ILE A 66 -7.42 2.41 14.51
CA ILE A 66 -8.56 3.09 13.90
C ILE A 66 -8.57 4.53 14.39
N ILE A 67 -8.52 5.46 13.44
CA ILE A 67 -8.48 6.89 13.82
C ILE A 67 -9.64 7.59 13.16
N LYS A 68 -10.61 7.99 13.97
CA LYS A 68 -11.83 8.65 13.52
C LYS A 68 -11.44 9.83 12.63
N GLY A 69 -12.13 9.93 11.49
CA GLY A 69 -11.87 11.04 10.54
C GLY A 69 -10.55 10.96 9.81
N PHE A 70 -9.88 9.81 9.86
CA PHE A 70 -8.60 9.64 9.19
C PHE A 70 -8.58 8.31 8.40
N MET A 71 -8.49 7.18 9.10
CA MET A 71 -8.34 5.93 8.35
C MET A 71 -8.48 4.75 9.28
N ILE A 72 -8.68 3.56 8.70
CA ILE A 72 -8.73 2.30 9.49
C ILE A 72 -7.60 1.42 8.94
N GLN A 73 -6.90 0.72 9.84
CA GLN A 73 -5.68 -0.01 9.48
C GLN A 73 -5.73 -1.44 9.96
N THR A 74 -5.15 -2.35 9.17
CA THR A 74 -5.27 -3.79 9.45
C THR A 74 -4.12 -4.53 8.77
N GLY A 75 -4.17 -5.88 8.80
CA GLY A 75 -3.27 -6.68 8.02
C GLY A 75 -2.05 -7.15 8.79
N ASP A 76 -2.07 -6.94 10.12
CA ASP A 76 -0.95 -7.43 10.98
C ASP A 76 -1.36 -8.68 11.76
N PRO A 77 -0.73 -9.84 11.46
CA PRO A 77 -1.13 -11.07 12.18
C PRO A 77 -0.99 -10.96 13.69
N THR A 78 -0.03 -10.13 14.16
CA THR A 78 0.18 -9.90 15.59
C THR A 78 -0.79 -8.86 16.19
N GLY A 79 -1.43 -8.04 15.34
CA GLY A 79 -2.33 -7.01 15.83
C GLY A 79 -1.65 -5.83 16.55
N THR A 80 -0.31 -5.70 16.43
CA THR A 80 0.39 -4.72 17.22
C THR A 80 0.81 -3.48 16.39
N GLY A 81 0.78 -3.61 15.07
CA GLY A 81 1.41 -2.59 14.21
C GLY A 81 2.85 -2.93 13.81
N MET A 82 3.44 -3.92 14.46
CA MET A 82 4.88 -4.31 14.27
C MET A 82 5.10 -5.50 13.36
N GLY A 83 4.02 -6.12 12.91
CA GLY A 83 4.13 -7.43 12.34
C GLY A 83 3.62 -7.52 10.91
N GLY A 84 3.62 -8.74 10.40
CA GLY A 84 3.24 -9.01 8.99
C GLY A 84 4.43 -8.86 8.04
N GLU A 85 4.36 -9.58 6.93
CA GLU A 85 5.37 -9.49 5.90
C GLU A 85 4.78 -9.79 4.53
N SER A 86 5.57 -9.49 3.49
CA SER A 86 5.12 -9.71 2.08
C SER A 86 5.06 -11.20 1.72
N ILE A 87 4.45 -11.51 0.60
CA ILE A 87 4.42 -12.87 0.11
C ILE A 87 5.82 -13.39 -0.26
N TRP A 88 6.79 -12.48 -0.36
CA TRP A 88 8.21 -12.82 -0.67
C TRP A 88 9.06 -13.05 0.57
N GLY A 89 8.46 -12.79 1.74
CA GLY A 89 9.14 -13.08 3.01
C GLY A 89 9.80 -11.94 3.75
N GLY A 90 9.63 -10.73 3.27
CA GLY A 90 10.11 -9.55 3.97
C GLY A 90 9.37 -8.32 3.47
N GLU A 91 10.16 -7.30 3.12
CA GLU A 91 9.61 -6.02 2.70
C GLU A 91 9.81 -5.83 1.20
N PHE A 92 8.98 -4.98 0.59
CA PHE A 92 9.10 -4.68 -0.84
C PHE A 92 8.86 -3.21 -1.19
N GLU A 93 9.24 -2.86 -2.42
CA GLU A 93 9.30 -1.49 -2.92
C GLU A 93 7.95 -0.77 -2.95
N ASP A 94 7.98 0.53 -2.65
CA ASP A 94 6.89 1.43 -2.99
C ASP A 94 6.61 1.47 -4.51
N GLU A 95 5.34 1.66 -4.88
CA GLU A 95 4.93 1.80 -6.29
C GLU A 95 4.11 3.06 -6.42
N PHE A 96 4.78 4.20 -6.33
CA PHE A 96 4.06 5.46 -6.43
C PHE A 96 3.75 5.72 -7.88
N HIS A 97 2.65 6.42 -8.14
CA HIS A 97 2.24 6.76 -9.49
C HIS A 97 1.48 8.10 -9.43
N SER A 98 1.83 9.02 -10.31
CA SER A 98 1.26 10.37 -10.28
C SER A 98 -0.24 10.39 -10.47
N THR A 99 -0.79 9.36 -11.12
CA THR A 99 -2.23 9.30 -11.33
C THR A 99 -2.94 8.70 -10.11
N LEU A 100 -2.17 8.14 -9.18
CA LEU A 100 -2.77 7.50 -7.98
C LEU A 100 -2.52 8.34 -6.73
N ARG A 101 -3.59 8.96 -6.25
CA ARG A 101 -3.53 9.96 -5.17
C ARG A 101 -4.52 9.66 -4.05
N HIS A 102 -4.19 10.12 -2.83
CA HIS A 102 -5.15 10.09 -1.72
C HIS A 102 -6.03 11.34 -1.77
N ASP A 103 -6.55 11.67 -2.96
CA ASP A 103 -7.40 12.85 -3.19
C ASP A 103 -8.90 12.58 -3.04
N ARG A 104 -9.28 11.35 -2.75
CA ARG A 104 -10.66 11.10 -2.41
C ARG A 104 -10.70 10.16 -1.21
N PRO A 105 -11.85 10.11 -0.54
CA PRO A 105 -11.94 9.18 0.57
C PRO A 105 -12.03 7.72 0.09
N TYR A 106 -11.83 6.80 1.02
CA TYR A 106 -11.92 5.36 0.77
C TYR A 106 -10.87 4.87 -0.22
N THR A 107 -9.67 5.43 -0.07
CA THR A 107 -8.50 5.00 -0.81
C THR A 107 -7.81 3.90 -0.01
N LEU A 108 -7.37 2.87 -0.73
CA LEU A 108 -6.71 1.70 -0.13
C LEU A 108 -5.23 1.78 -0.39
N SER A 109 -4.44 1.81 0.69
CA SER A 109 -3.00 2.05 0.59
C SER A 109 -2.19 1.16 1.54
N MET A 110 -0.92 0.99 1.22
CA MET A 110 -0.03 0.24 2.10
C MET A 110 0.40 1.05 3.32
N ALA A 111 0.48 0.39 4.46
CA ALA A 111 0.84 1.06 5.73
C ALA A 111 2.32 1.48 5.82
N ASN A 112 3.23 0.51 5.93
CA ASN A 112 4.69 0.74 5.93
C ASN A 112 5.28 1.47 7.15
N ALA A 113 6.60 1.40 7.31
CA ALA A 113 7.28 2.13 8.37
C ALA A 113 8.53 2.78 7.77
N GLY A 114 8.32 3.53 6.70
CA GLY A 114 9.43 4.16 5.94
C GLY A 114 9.39 3.84 4.45
N SER A 115 10.23 4.50 3.66
CA SER A 115 10.24 4.22 2.22
C SER A 115 10.70 2.78 1.94
N ASN A 116 10.03 2.12 0.99
CA ASN A 116 10.34 0.73 0.61
C ASN A 116 10.31 -0.31 1.77
N THR A 117 9.28 -0.24 2.61
CA THR A 117 9.16 -1.17 3.72
C THR A 117 7.78 -1.82 3.74
N ASN A 118 7.17 -1.95 2.56
CA ASN A 118 5.84 -2.62 2.48
C ASN A 118 5.89 -4.08 2.91
N GLY A 119 4.91 -4.49 3.71
CA GLY A 119 4.83 -5.88 4.16
C GLY A 119 3.44 -6.43 3.84
N SER A 120 2.60 -6.51 4.87
CA SER A 120 1.21 -6.95 4.66
C SER A 120 0.21 -5.95 5.13
N GLN A 121 0.59 -5.07 6.08
CA GLN A 121 -0.42 -4.11 6.62
C GLN A 121 -0.86 -3.07 5.56
N PHE A 122 -2.13 -2.72 5.61
CA PHE A 122 -2.70 -1.74 4.69
C PHE A 122 -3.76 -0.94 5.45
N PHE A 123 -4.17 0.17 4.88
CA PHE A 123 -5.26 0.97 5.48
C PHE A 123 -6.25 1.50 4.44
N ILE A 124 -7.42 1.94 4.92
CA ILE A 124 -8.42 2.56 4.05
C ILE A 124 -8.78 3.89 4.70
N THR A 125 -8.67 4.95 3.91
CA THR A 125 -8.95 6.32 4.43
C THR A 125 -10.46 6.61 4.47
N VAL A 126 -10.89 7.60 5.26
CA VAL A 126 -12.30 7.98 5.25
C VAL A 126 -12.49 9.45 4.80
N VAL A 127 -11.39 10.10 4.47
CA VAL A 127 -11.36 11.48 3.94
C VAL A 127 -10.18 11.58 2.97
N PRO A 128 -10.10 12.67 2.17
CA PRO A 128 -8.85 12.93 1.45
C PRO A 128 -7.66 13.05 2.39
N THR A 129 -6.54 12.42 2.03
CA THR A 129 -5.33 12.50 2.83
C THR A 129 -4.10 12.81 1.96
N PRO A 130 -4.12 13.99 1.31
CA PRO A 130 -3.13 14.28 0.29
C PRO A 130 -1.70 14.28 0.81
N TRP A 131 -1.52 14.43 2.13
CA TRP A 131 -0.16 14.39 2.71
C TRP A 131 0.50 13.02 2.71
N LEU A 132 -0.26 11.99 2.34
CA LEU A 132 0.28 10.63 2.24
C LEU A 132 0.70 10.27 0.80
N ASP A 133 0.38 11.16 -0.15
CA ASP A 133 0.84 11.01 -1.53
C ASP A 133 2.34 10.86 -1.60
N ASN A 134 2.81 9.87 -2.37
CA ASN A 134 4.23 9.56 -2.46
C ASN A 134 4.90 9.26 -1.13
N LYS A 135 4.10 8.78 -0.16
CA LYS A 135 4.65 8.22 1.05
C LYS A 135 4.11 6.79 1.25
N HIS A 136 2.88 6.56 0.83
CA HIS A 136 2.24 5.24 0.92
C HIS A 136 1.73 4.85 -0.45
N THR A 137 1.97 3.59 -0.84
CA THR A 137 1.49 3.11 -2.14
C THR A 137 -0.03 3.01 -2.16
N VAL A 138 -0.64 3.78 -3.06
CA VAL A 138 -2.09 3.71 -3.34
C VAL A 138 -2.35 2.54 -4.28
N PHE A 139 -3.10 1.52 -3.83
CA PHE A 139 -3.32 0.36 -4.71
C PHE A 139 -4.78 -0.03 -4.97
N GLY A 140 -5.72 0.75 -4.43
CA GLY A 140 -7.13 0.44 -4.63
C GLY A 140 -8.02 1.58 -4.19
N ARG A 141 -9.31 1.37 -4.38
CA ARG A 141 -10.32 2.32 -3.95
C ARG A 141 -11.63 1.60 -3.72
N VAL A 142 -12.34 2.01 -2.68
CA VAL A 142 -13.56 1.32 -2.32
C VAL A 142 -14.64 1.78 -3.29
N THR A 143 -15.39 0.82 -3.82
CA THR A 143 -16.49 1.11 -4.78
C THR A 143 -17.89 0.84 -4.22
N LYS A 144 -17.97 0.01 -3.18
CA LYS A 144 -19.24 -0.33 -2.52
C LYS A 144 -18.87 -0.73 -1.11
N GLY A 145 -19.68 -0.36 -0.12
CA GLY A 145 -19.28 -0.56 1.28
C GLY A 145 -18.55 0.60 1.94
N MET A 146 -18.59 1.79 1.31
CA MET A 146 -18.00 2.97 1.91
C MET A 146 -18.55 3.21 3.31
N GLU A 147 -19.85 2.96 3.46
CA GLU A 147 -20.57 3.09 4.74
C GLU A 147 -19.98 2.15 5.79
N VAL A 148 -19.54 0.97 5.37
CA VAL A 148 -18.90 0.01 6.30
C VAL A 148 -17.58 0.59 6.82
N VAL A 149 -16.78 1.10 5.89
CA VAL A 149 -15.52 1.73 6.26
C VAL A 149 -15.79 2.88 7.24
N GLN A 150 -16.78 3.73 6.93
CA GLN A 150 -17.10 4.83 7.82
C GLN A 150 -17.47 4.36 9.25
N ARG A 151 -18.36 3.37 9.32
CA ARG A 151 -18.83 2.84 10.59
C ARG A 151 -17.67 2.21 11.36
N ILE A 152 -16.84 1.44 10.66
CA ILE A 152 -15.64 0.91 11.35
C ILE A 152 -14.83 2.06 11.96
N SER A 153 -14.59 3.12 11.18
CA SER A 153 -13.80 4.28 11.63
C SER A 153 -14.35 4.99 12.88
N ASN A 154 -15.61 4.71 13.19
CA ASN A 154 -16.33 5.33 14.32
C ASN A 154 -16.55 4.43 15.53
N VAL A 155 -15.96 3.24 15.54
CA VAL A 155 -16.06 2.39 16.73
C VAL A 155 -15.27 3.04 17.88
N LYS A 156 -15.66 2.72 19.13
CA LYS A 156 -14.95 3.26 20.29
C LYS A 156 -13.56 2.62 20.44
N VAL A 157 -12.54 3.46 20.63
CA VAL A 157 -11.16 3.00 20.76
C VAL A 157 -10.50 3.54 22.05
N ASN A 158 -9.46 2.85 22.51
CA ASN A 158 -8.60 3.37 23.55
C ASN A 158 -7.86 4.60 23.00
N PRO A 159 -8.07 5.78 23.63
CA PRO A 159 -7.46 7.01 23.08
C PRO A 159 -5.95 6.96 23.05
N LYS A 160 -5.34 6.15 23.92
CA LYS A 160 -3.88 6.07 23.99
C LYS A 160 -3.27 5.22 22.87
N THR A 161 -4.04 4.31 22.27
CA THR A 161 -3.47 3.32 21.36
C THR A 161 -4.19 3.31 20.00
N ASP A 162 -5.36 3.95 19.96
CA ASP A 162 -6.26 3.89 18.82
C ASP A 162 -6.75 2.48 18.46
N LYS A 163 -6.68 1.55 19.41
CA LYS A 163 -7.16 0.16 19.28
C LYS A 163 -8.60 0.04 19.78
N PRO A 164 -9.50 -0.53 18.94
CA PRO A 164 -10.91 -0.60 19.35
C PRO A 164 -11.04 -1.49 20.58
N TYR A 165 -11.96 -1.14 21.46
CA TYR A 165 -12.23 -1.97 22.66
C TYR A 165 -12.77 -3.36 22.29
N GLU A 166 -13.61 -3.41 21.25
CA GLU A 166 -14.17 -4.65 20.75
C GLU A 166 -13.61 -4.85 19.37
N ASP A 167 -13.04 -6.01 19.12
CA ASP A 167 -12.33 -6.23 17.85
C ASP A 167 -13.26 -6.02 16.64
N VAL A 168 -12.71 -5.40 15.59
CA VAL A 168 -13.34 -5.46 14.27
C VAL A 168 -12.34 -6.27 13.43
N SER A 169 -12.82 -7.24 12.67
CA SER A 169 -11.93 -8.19 12.05
C SER A 169 -12.29 -8.43 10.59
N ILE A 170 -11.30 -8.92 9.86
CA ILE A 170 -11.51 -9.48 8.51
C ILE A 170 -11.85 -10.96 8.70
N ILE A 171 -12.97 -11.38 8.09
CA ILE A 171 -13.33 -12.79 8.05
C ILE A 171 -12.48 -13.48 6.99
N ASN A 172 -12.57 -12.97 5.75
CA ASN A 172 -11.83 -13.48 4.62
C ASN A 172 -11.92 -12.43 3.52
N ILE A 173 -11.18 -12.64 2.45
CA ILE A 173 -11.13 -11.65 1.36
C ILE A 173 -11.23 -12.44 0.07
N THR A 174 -12.25 -12.14 -0.74
CA THR A 174 -12.52 -12.87 -1.97
C THR A 174 -11.94 -12.04 -3.09
N VAL A 175 -11.08 -12.66 -3.90
CA VAL A 175 -10.45 -11.95 -5.02
C VAL A 175 -11.17 -12.38 -6.30
N LYS A 176 -11.61 -11.41 -7.08
CA LYS A 176 -12.39 -11.67 -8.28
C LYS A 176 -11.50 -12.29 -9.37
N GLN B 13 9.49 0.64 15.26
CA GLN B 13 8.43 1.60 14.81
C GLN B 13 7.21 0.87 14.23
N ALA B 14 6.05 1.11 14.82
CA ALA B 14 4.80 0.55 14.27
C ALA B 14 4.51 1.10 12.87
N GLU B 15 3.93 0.26 12.03
CA GLU B 15 3.55 0.70 10.70
C GLU B 15 2.36 1.63 10.74
N GLY B 16 2.20 2.41 9.67
CA GLY B 16 0.95 3.09 9.40
C GLY B 16 1.18 4.56 9.10
N PRO B 17 0.17 5.21 8.49
CA PRO B 17 0.22 6.62 8.09
C PRO B 17 0.07 7.54 9.29
N LYS B 18 0.75 8.69 9.23
CA LYS B 18 0.69 9.69 10.31
C LYS B 18 0.04 10.99 9.78
N ARG B 19 -0.33 11.87 10.71
CA ARG B 19 -0.98 13.15 10.38
C ARG B 19 -0.15 14.34 10.88
N VAL B 20 1.03 14.04 11.40
CA VAL B 20 1.99 15.07 11.76
C VAL B 20 2.71 15.59 10.52
N SER B 21 3.58 16.57 10.71
CA SER B 21 4.48 17.04 9.67
C SER B 21 5.57 17.78 10.40
N ASP B 22 6.67 18.02 9.71
CA ASP B 22 7.76 18.70 10.38
C ASP B 22 7.91 20.15 9.93
N SER B 23 6.90 20.66 9.22
CA SER B 23 6.91 22.08 8.88
C SER B 23 5.54 22.62 8.50
N ALA B 24 5.42 23.94 8.60
CA ALA B 24 4.17 24.62 8.29
C ALA B 24 4.52 26.05 7.94
N ILE B 25 3.61 26.73 7.28
CA ILE B 25 3.79 28.12 6.96
C ILE B 25 2.54 28.81 7.44
N ILE B 26 2.68 29.62 8.50
CA ILE B 26 1.58 30.45 9.00
C ILE B 26 1.54 31.76 8.20
N HIS B 27 0.54 31.88 7.31
CA HIS B 27 0.38 33.09 6.49
C HIS B 27 -0.37 34.16 7.29
N THR B 28 0.34 35.22 7.66
CA THR B 28 -0.29 36.30 8.41
C THR B 28 -0.40 37.54 7.55
N SER B 29 -1.29 38.45 7.95
CA SER B 29 -1.46 39.73 7.26
C SER B 29 -0.16 40.50 7.16
N MET B 30 0.78 40.19 8.05
CA MET B 30 2.05 40.89 8.09
C MET B 30 3.16 40.11 7.40
N GLY B 31 2.80 38.96 6.82
CA GLY B 31 3.76 38.15 6.05
C GLY B 31 3.75 36.67 6.41
N ASP B 32 4.72 35.94 5.85
CA ASP B 32 4.79 34.49 6.00
C ASP B 32 5.76 34.04 7.09
N ILE B 33 5.22 33.28 8.06
CA ILE B 33 6.00 32.71 9.16
C ILE B 33 6.17 31.22 8.91
N HIS B 34 7.37 30.85 8.48
CA HIS B 34 7.72 29.47 8.22
C HIS B 34 8.14 28.83 9.54
N THR B 35 7.44 27.76 9.95
CA THR B 35 7.76 27.08 11.21
C THR B 35 8.16 25.63 11.04
N LYS B 36 9.33 25.30 11.56
CA LYS B 36 9.74 23.93 11.77
C LYS B 36 8.88 23.36 12.91
N LEU B 37 8.48 22.11 12.78
CA LEU B 37 7.75 21.45 13.88
C LEU B 37 8.59 20.29 14.41
N PHE B 38 8.32 19.88 15.64
CA PHE B 38 9.09 18.82 16.29
C PHE B 38 8.22 17.59 16.60
N PRO B 39 7.75 16.87 15.56
CA PRO B 39 6.79 15.78 15.79
C PRO B 39 7.38 14.59 16.55
N VAL B 40 8.69 14.37 16.44
CA VAL B 40 9.34 13.23 17.11
C VAL B 40 9.16 13.42 18.61
N GLU B 41 9.72 14.53 19.10
CA GLU B 41 9.72 14.87 20.52
C GLU B 41 8.33 15.15 21.08
N CYS B 42 7.44 15.72 20.25
CA CYS B 42 6.10 16.12 20.68
C CYS B 42 4.98 15.63 19.74
N PRO B 43 4.73 14.30 19.72
CA PRO B 43 3.80 13.78 18.71
C PRO B 43 2.36 14.29 18.81
N LYS B 44 1.79 14.41 20.01
CA LYS B 44 0.37 14.77 20.09
C LYS B 44 0.12 16.25 19.83
N THR B 45 1.05 17.08 20.32
CA THR B 45 0.97 18.54 20.12
C THR B 45 1.08 18.88 18.64
N VAL B 46 2.04 18.25 17.96
CA VAL B 46 2.19 18.49 16.54
C VAL B 46 0.99 18.00 15.73
N GLU B 47 0.46 16.83 16.08
CA GLU B 47 -0.73 16.32 15.40
C GLU B 47 -1.94 17.26 15.53
N ASN B 48 -2.23 17.70 16.76
CA ASN B 48 -3.28 18.70 16.99
C ASN B 48 -3.14 19.93 16.10
N PHE B 49 -1.93 20.49 16.07
CA PHE B 49 -1.67 21.72 15.32
C PHE B 49 -1.83 21.52 13.82
N CYS B 50 -1.28 20.42 13.30
CA CYS B 50 -1.31 20.13 11.85
C CYS B 50 -2.69 19.84 11.28
N VAL B 51 -3.47 19.07 12.02
CA VAL B 51 -4.84 18.79 11.63
C VAL B 51 -5.67 20.06 11.64
N HIS B 52 -5.70 20.77 12.77
CA HIS B 52 -6.40 22.06 12.86
C HIS B 52 -6.05 22.97 11.68
N SER B 53 -4.74 23.06 11.38
CA SER B 53 -4.28 23.88 10.27
C SER B 53 -4.90 23.42 8.94
N ARG B 54 -4.70 22.16 8.61
CA ARG B 54 -5.21 21.60 7.35
C ARG B 54 -6.73 21.79 7.21
N ASN B 55 -7.47 21.78 8.32
CA ASN B 55 -8.91 22.05 8.31
C ASN B 55 -9.30 23.53 8.26
N GLY B 56 -8.31 24.40 8.10
CA GLY B 56 -8.55 25.84 8.05
C GLY B 56 -9.14 26.41 9.32
N TYR B 57 -8.97 25.68 10.42
CA TYR B 57 -9.46 26.09 11.73
C TYR B 57 -8.94 27.47 12.14
N TYR B 58 -7.64 27.68 11.95
CA TYR B 58 -6.94 28.90 12.35
C TYR B 58 -7.12 30.07 11.37
N ASN B 59 -7.78 29.80 10.24
CA ASN B 59 -7.98 30.82 9.22
C ASN B 59 -8.88 31.94 9.72
N GLY B 60 -8.41 33.17 9.57
CA GLY B 60 -9.17 34.36 9.95
C GLY B 60 -8.94 34.77 11.39
N HIS B 61 -8.38 33.86 12.18
CA HIS B 61 -7.94 34.16 13.54
C HIS B 61 -6.96 35.33 13.52
N THR B 62 -6.85 35.98 14.67
CA THR B 62 -5.97 37.13 14.84
C THR B 62 -5.03 36.90 16.00
N PHE B 63 -3.90 37.59 16.00
CA PHE B 63 -3.07 37.59 17.18
C PHE B 63 -3.74 38.52 18.17
N HIS B 64 -4.50 37.93 19.08
CA HIS B 64 -5.42 38.71 19.91
C HIS B 64 -4.72 39.35 21.11
N ARG B 65 -3.55 38.81 21.45
CA ARG B 65 -2.75 39.18 22.65
C ARG B 65 -1.28 39.26 22.27
N ILE B 66 -0.80 40.48 22.18
CA ILE B 66 0.60 40.76 21.82
C ILE B 66 1.25 41.54 22.98
N ILE B 67 2.31 40.95 23.55
CA ILE B 67 3.10 41.58 24.60
C ILE B 67 4.50 41.85 24.08
N LYS B 68 4.78 43.13 23.80
CA LYS B 68 6.04 43.60 23.26
C LYS B 68 7.19 43.06 24.09
N GLY B 69 8.18 42.53 23.41
CA GLY B 69 9.33 41.97 24.07
C GLY B 69 8.96 40.70 24.82
N PHE B 70 7.80 40.09 24.51
CA PHE B 70 7.42 38.79 25.13
C PHE B 70 6.94 37.75 24.08
N MET B 71 5.67 37.79 23.72
CA MET B 71 5.14 36.77 22.84
C MET B 71 3.91 37.22 22.13
N ILE B 72 3.68 36.61 20.97
CA ILE B 72 2.47 36.88 20.28
C ILE B 72 1.66 35.61 20.38
N GLN B 73 0.42 35.78 20.78
CA GLN B 73 -0.48 34.67 21.02
C GLN B 73 -1.64 34.74 20.03
N THR B 74 -2.06 33.59 19.55
CA THR B 74 -3.15 33.51 18.57
C THR B 74 -3.89 32.19 18.77
N GLY B 75 -4.73 31.83 17.81
CA GLY B 75 -5.37 30.53 17.83
C GLY B 75 -6.62 30.45 18.69
N ASP B 76 -7.28 31.60 18.87
CA ASP B 76 -8.60 31.67 19.51
C ASP B 76 -9.68 32.16 18.53
N PRO B 77 -10.62 31.27 18.15
CA PRO B 77 -11.68 31.68 17.21
C PRO B 77 -12.55 32.83 17.75
N THR B 78 -12.67 32.92 19.06
CA THR B 78 -13.41 34.02 19.71
C THR B 78 -12.54 35.28 19.81
N GLY B 79 -11.21 35.08 19.79
CA GLY B 79 -10.22 36.16 19.88
C GLY B 79 -10.19 36.85 21.24
N THR B 80 -10.44 36.06 22.29
CA THR B 80 -10.63 36.58 23.64
C THR B 80 -9.62 36.04 24.65
N GLY B 81 -8.98 34.92 24.31
CA GLY B 81 -8.08 34.23 25.23
C GLY B 81 -8.75 33.07 25.97
N MET B 82 -10.07 32.98 25.83
CA MET B 82 -10.84 31.95 26.52
C MET B 82 -11.65 31.08 25.55
N GLY B 83 -11.13 30.90 24.35
CA GLY B 83 -11.80 30.09 23.34
C GLY B 83 -10.83 29.17 22.60
N GLY B 84 -11.40 28.25 21.82
CA GLY B 84 -10.62 27.24 21.11
C GLY B 84 -10.53 25.91 21.84
N GLU B 85 -10.31 24.85 21.08
CA GLU B 85 -10.16 23.50 21.61
C GLU B 85 -9.31 22.63 20.67
N SER B 86 -8.96 21.43 21.15
CA SER B 86 -8.17 20.48 20.38
C SER B 86 -8.99 19.82 19.26
N ILE B 87 -8.29 19.05 18.40
CA ILE B 87 -8.93 18.24 17.37
C ILE B 87 -9.74 17.07 17.93
N TRP B 88 -9.45 16.67 19.17
CA TRP B 88 -10.21 15.61 19.86
C TRP B 88 -11.35 16.19 20.72
N GLY B 89 -11.76 17.42 20.41
CA GLY B 89 -12.86 18.10 21.09
C GLY B 89 -12.67 18.25 22.60
N GLY B 90 -11.79 19.16 23.01
CA GLY B 90 -11.51 19.38 24.43
C GLY B 90 -10.09 19.83 24.71
N GLU B 91 -9.45 19.16 25.68
CA GLU B 91 -8.12 19.54 26.18
C GLU B 91 -7.18 18.33 26.32
N PHE B 92 -5.88 18.56 26.11
CA PHE B 92 -4.88 17.46 26.15
C PHE B 92 -3.59 17.77 26.92
N GLU B 93 -2.74 16.75 27.06
CA GLU B 93 -1.55 16.72 27.92
C GLU B 93 -0.34 17.53 27.40
N ASP B 94 0.56 17.89 28.31
CA ASP B 94 1.84 18.54 27.95
C ASP B 94 2.86 17.50 27.47
N GLU B 95 3.78 17.93 26.61
CA GLU B 95 4.81 17.05 26.05
C GLU B 95 6.19 17.71 26.10
N PHE B 96 6.69 17.94 27.31
CA PHE B 96 8.01 18.53 27.48
C PHE B 96 9.11 17.59 27.04
N HIS B 97 10.29 18.16 26.82
CA HIS B 97 11.46 17.42 26.39
C HIS B 97 12.65 18.26 26.77
N SER B 98 13.72 17.60 27.20
CA SER B 98 14.91 18.28 27.70
C SER B 98 15.64 19.13 26.67
N THR B 99 15.51 18.79 25.39
CA THR B 99 16.23 19.48 24.31
C THR B 99 15.47 20.67 23.74
N LEU B 100 14.21 20.83 24.15
CA LEU B 100 13.36 21.90 23.61
C LEU B 100 13.15 23.04 24.62
N ARG B 101 13.77 24.19 24.36
CA ARG B 101 13.76 25.30 25.31
C ARG B 101 13.40 26.63 24.66
N HIS B 102 12.83 27.55 25.45
CA HIS B 102 12.54 28.91 24.98
C HIS B 102 13.82 29.76 25.06
N ASP B 103 14.94 29.16 24.66
CA ASP B 103 16.28 29.74 24.86
C ASP B 103 16.70 30.65 23.70
N ARG B 104 15.78 30.88 22.78
CA ARG B 104 16.04 31.70 21.60
C ARG B 104 14.72 32.27 21.08
N PRO B 105 14.76 33.44 20.43
CA PRO B 105 13.50 34.05 20.00
C PRO B 105 12.81 33.19 18.93
N TYR B 106 11.54 33.48 18.67
CA TYR B 106 10.77 32.85 17.60
C TYR B 106 10.50 31.38 17.84
N THR B 107 10.22 31.06 19.11
CA THR B 107 9.83 29.71 19.54
C THR B 107 8.32 29.55 19.57
N LEU B 108 7.82 28.41 19.07
CA LEU B 108 6.41 28.12 19.03
C LEU B 108 6.04 27.15 20.15
N SER B 109 5.08 27.57 20.98
CA SER B 109 4.72 26.79 22.18
C SER B 109 3.21 26.80 22.42
N MET B 110 2.74 25.81 23.18
CA MET B 110 1.32 25.72 23.58
C MET B 110 1.04 26.65 24.78
N ALA B 111 -0.06 27.39 24.68
CA ALA B 111 -0.49 28.38 25.72
C ALA B 111 -0.87 27.83 27.12
N ASN B 112 -1.98 27.08 27.24
CA ASN B 112 -2.38 26.35 28.48
C ASN B 112 -2.65 27.14 29.80
N ALA B 113 -3.10 26.39 30.82
CA ALA B 113 -3.31 26.89 32.19
C ALA B 113 -2.62 26.02 33.22
N GLY B 114 -1.34 25.70 33.01
CA GLY B 114 -0.53 25.09 34.07
C GLY B 114 -0.48 23.58 33.97
N SER B 115 -1.63 22.95 33.88
CA SER B 115 -1.61 21.52 33.68
C SER B 115 -2.62 21.11 32.64
N ASN B 116 -2.08 20.64 31.51
CA ASN B 116 -2.84 19.90 30.52
C ASN B 116 -4.13 20.55 30.07
N THR B 117 -4.09 21.87 29.91
CA THR B 117 -5.26 22.61 29.44
C THR B 117 -5.10 22.90 27.96
N ASN B 118 -4.14 22.19 27.34
CA ASN B 118 -3.79 22.35 25.92
C ASN B 118 -5.02 22.22 25.03
N GLY B 119 -5.24 23.21 24.17
CA GLY B 119 -6.38 23.19 23.28
C GLY B 119 -5.98 23.53 21.86
N SER B 120 -6.30 24.75 21.44
CA SER B 120 -5.90 25.25 20.13
C SER B 120 -4.90 26.39 20.25
N GLN B 121 -4.96 27.13 21.35
CA GLN B 121 -4.17 28.38 21.49
C GLN B 121 -2.68 28.11 21.61
N PHE B 122 -1.93 28.95 20.92
CA PHE B 122 -0.50 28.82 20.89
C PHE B 122 0.18 30.20 20.81
N PHE B 123 1.46 30.23 21.11
CA PHE B 123 2.15 31.48 21.10
C PHE B 123 3.52 31.30 20.49
N ILE B 124 4.07 32.39 19.93
CA ILE B 124 5.44 32.44 19.46
C ILE B 124 6.10 33.57 20.22
N THR B 125 7.29 33.31 20.71
CA THR B 125 8.06 34.30 21.47
C THR B 125 8.91 35.21 20.55
N VAL B 126 9.29 36.38 21.06
CA VAL B 126 10.20 37.30 20.34
C VAL B 126 11.53 37.55 21.06
N VAL B 127 11.62 37.02 22.26
CA VAL B 127 12.86 36.99 23.00
C VAL B 127 12.96 35.60 23.56
N PRO B 128 14.16 35.21 24.04
CA PRO B 128 14.23 34.06 24.92
C PRO B 128 13.29 34.29 26.09
N THR B 129 12.49 33.28 26.41
CA THR B 129 11.61 33.30 27.57
C THR B 129 11.82 32.03 28.43
N PRO B 130 13.04 31.86 29.00
CA PRO B 130 13.42 30.67 29.78
C PRO B 130 12.49 30.29 30.93
N TRP B 131 11.86 31.28 31.55
CA TRP B 131 10.98 30.99 32.69
C TRP B 131 9.86 30.05 32.29
N LEU B 132 9.59 29.99 30.99
CA LEU B 132 8.57 29.12 30.45
C LEU B 132 9.08 27.70 30.18
N ASP B 133 10.40 27.51 30.17
CA ASP B 133 10.97 26.17 30.05
C ASP B 133 10.33 25.25 31.09
N ASN B 134 9.79 24.13 30.61
CA ASN B 134 9.02 23.17 31.40
C ASN B 134 7.67 23.60 31.98
N LYS B 135 7.15 24.73 31.49
CA LYS B 135 5.77 25.16 31.81
C LYS B 135 4.87 25.07 30.57
N HIS B 136 5.48 25.22 29.40
CA HIS B 136 4.73 25.18 28.15
C HIS B 136 5.46 24.32 27.14
N THR B 137 4.70 23.53 26.38
CA THR B 137 5.30 22.67 25.37
C THR B 137 5.80 23.49 24.20
N VAL B 138 7.12 23.48 23.99
CA VAL B 138 7.76 23.95 22.77
C VAL B 138 7.52 22.88 21.72
N PHE B 139 6.88 23.25 20.62
CA PHE B 139 6.64 22.26 19.56
C PHE B 139 7.15 22.71 18.20
N GLY B 140 7.76 23.89 18.13
CA GLY B 140 8.15 24.47 16.84
C GLY B 140 9.11 25.65 16.94
N ARG B 141 9.66 26.04 15.80
CA ARG B 141 10.49 27.23 15.69
C ARG B 141 10.38 27.88 14.34
N VAL B 142 10.39 29.21 14.33
CA VAL B 142 10.33 29.93 13.06
C VAL B 142 11.65 29.75 12.35
N THR B 143 11.58 29.45 11.05
CA THR B 143 12.78 29.25 10.23
C THR B 143 12.99 30.39 9.25
N LYS B 144 11.88 30.97 8.80
CA LYS B 144 11.88 32.10 7.91
C LYS B 144 10.67 32.92 8.31
N GLY B 145 10.80 34.25 8.19
CA GLY B 145 9.74 35.16 8.60
C GLY B 145 9.89 35.65 10.04
N MET B 146 11.10 35.58 10.59
CA MET B 146 11.38 36.13 11.94
C MET B 146 11.04 37.62 12.08
N GLU B 147 11.38 38.39 11.04
CA GLU B 147 11.07 39.81 11.01
C GLU B 147 9.56 39.98 11.06
N VAL B 148 8.83 38.99 10.55
CA VAL B 148 7.39 39.12 10.52
C VAL B 148 6.91 39.00 11.96
N VAL B 149 7.44 38.02 12.69
CA VAL B 149 7.04 37.86 14.08
C VAL B 149 7.40 39.17 14.80
N GLN B 150 8.66 39.58 14.71
CA GLN B 150 9.13 40.82 15.33
C GLN B 150 8.23 42.01 15.05
N ARG B 151 7.87 42.19 13.78
CA ARG B 151 7.02 43.29 13.34
C ARG B 151 5.64 43.19 13.96
N ILE B 152 5.14 41.96 14.11
CA ILE B 152 3.85 41.71 14.80
C ILE B 152 3.93 42.01 16.30
N SER B 153 5.08 41.76 16.92
CA SER B 153 5.22 41.96 18.37
C SER B 153 5.24 43.44 18.72
N ASN B 154 5.54 44.28 17.72
CA ASN B 154 5.74 45.71 17.93
C ASN B 154 4.55 46.61 17.62
N VAL B 155 3.49 46.01 17.07
CA VAL B 155 2.34 46.77 16.59
C VAL B 155 1.68 47.53 17.73
N LYS B 156 1.09 48.68 17.41
CA LYS B 156 0.32 49.46 18.37
C LYS B 156 -0.84 48.62 18.85
N VAL B 157 -0.84 48.31 20.15
CA VAL B 157 -1.94 47.58 20.75
C VAL B 157 -2.59 48.45 21.81
N ASN B 158 -3.88 48.22 22.06
CA ASN B 158 -4.53 48.96 23.12
C ASN B 158 -3.94 48.53 24.46
N PRO B 159 -3.18 49.42 25.12
CA PRO B 159 -2.36 49.14 26.30
C PRO B 159 -3.17 48.65 27.50
N LYS B 160 -4.47 48.91 27.48
CA LYS B 160 -5.37 48.39 28.51
C LYS B 160 -5.70 46.90 28.30
N THR B 161 -5.46 46.40 27.09
CA THR B 161 -5.90 45.07 26.69
C THR B 161 -4.80 44.22 26.04
N ASP B 162 -3.92 44.87 25.27
CA ASP B 162 -2.87 44.18 24.52
C ASP B 162 -3.38 43.74 23.13
N LYS B 163 -4.55 44.22 22.74
CA LYS B 163 -5.11 43.91 21.43
C LYS B 163 -4.79 45.02 20.41
N PRO B 164 -4.23 44.63 19.26
CA PRO B 164 -3.94 45.64 18.23
C PRO B 164 -5.21 46.33 17.73
N TYR B 165 -5.10 47.64 17.48
CA TYR B 165 -6.22 48.45 17.04
C TYR B 165 -6.65 48.01 15.66
N GLU B 166 -5.65 47.66 14.85
CA GLU B 166 -5.84 47.09 13.53
C GLU B 166 -5.33 45.66 13.65
N ASP B 167 -6.17 44.69 13.37
CA ASP B 167 -5.81 43.31 13.65
C ASP B 167 -4.77 42.73 12.69
N VAL B 168 -3.97 41.82 13.22
CA VAL B 168 -3.05 41.03 12.42
C VAL B 168 -3.59 39.61 12.44
N SER B 169 -3.84 39.10 11.23
CA SER B 169 -4.72 37.96 11.04
C SER B 169 -4.04 36.81 10.32
N ILE B 170 -4.36 35.59 10.75
CA ILE B 170 -3.94 34.39 10.02
C ILE B 170 -4.82 34.23 8.78
N ILE B 171 -4.22 34.38 7.61
CA ILE B 171 -4.89 34.13 6.34
C ILE B 171 -5.22 32.64 6.32
N ASN B 172 -4.17 31.83 6.34
CA ASN B 172 -4.28 30.39 6.52
C ASN B 172 -2.92 29.80 6.91
N ILE B 173 -2.91 28.50 7.23
CA ILE B 173 -1.67 27.77 7.54
C ILE B 173 -1.47 26.58 6.59
N THR B 174 -0.34 26.57 5.88
CA THR B 174 0.00 25.48 4.96
C THR B 174 0.91 24.50 5.70
N VAL B 175 0.58 23.21 5.63
CA VAL B 175 1.40 22.18 6.27
C VAL B 175 2.11 21.35 5.20
N LYS B 176 3.43 21.26 5.31
CA LYS B 176 4.27 20.54 4.35
C LYS B 176 3.99 19.04 4.40
N THR C 12 -11.85 -41.51 -30.34
CA THR C 12 -12.35 -40.55 -31.37
C THR C 12 -13.21 -41.28 -32.42
N GLN C 13 -14.27 -40.61 -32.87
CA GLN C 13 -15.27 -41.23 -33.75
C GLN C 13 -14.81 -41.49 -35.21
N ALA C 14 -14.12 -40.51 -35.79
CA ALA C 14 -13.76 -40.54 -37.21
C ALA C 14 -12.46 -41.29 -37.46
N GLU C 15 -12.30 -41.79 -38.67
CA GLU C 15 -11.07 -42.48 -39.06
C GLU C 15 -9.97 -41.49 -39.32
N GLY C 16 -8.73 -41.92 -39.05
CA GLY C 16 -7.55 -41.13 -39.36
C GLY C 16 -6.39 -41.42 -38.41
N PRO C 17 -5.15 -41.37 -38.93
CA PRO C 17 -3.96 -41.44 -38.07
C PRO C 17 -3.82 -40.13 -37.30
N LYS C 18 -3.14 -40.18 -36.16
CA LYS C 18 -3.01 -38.99 -35.29
C LYS C 18 -1.58 -38.60 -35.04
N ARG C 19 -1.39 -37.33 -34.65
CA ARG C 19 -0.10 -36.74 -34.29
C ARG C 19 -0.06 -36.41 -32.79
N VAL C 20 -1.22 -36.55 -32.14
CA VAL C 20 -1.33 -36.35 -30.69
C VAL C 20 -0.84 -37.61 -29.95
N SER C 21 -0.61 -37.48 -28.65
CA SER C 21 -0.24 -38.61 -27.81
C SER C 21 -0.80 -38.35 -26.39
N ASP C 22 -0.87 -39.37 -25.53
CA ASP C 22 -1.41 -39.12 -24.20
C ASP C 22 -0.31 -38.98 -23.13
N SER C 23 0.96 -39.04 -23.55
CA SER C 23 2.07 -38.77 -22.63
C SER C 23 3.32 -38.26 -23.29
N ALA C 24 4.14 -37.62 -22.48
CA ALA C 24 5.44 -37.12 -22.93
C ALA C 24 6.35 -37.02 -21.74
N ILE C 25 7.65 -36.98 -22.01
CA ILE C 25 8.63 -36.73 -20.96
C ILE C 25 9.42 -35.49 -21.34
N ILE C 26 9.37 -34.48 -20.48
CA ILE C 26 10.15 -33.25 -20.70
C ILE C 26 11.48 -33.44 -19.99
N HIS C 27 12.53 -33.65 -20.78
CA HIS C 27 13.89 -33.82 -20.23
C HIS C 27 14.50 -32.45 -19.96
N THR C 28 14.69 -32.10 -18.69
CA THR C 28 15.28 -30.81 -18.33
C THR C 28 16.68 -31.02 -17.79
N SER C 29 17.42 -29.93 -17.71
CA SER C 29 18.77 -29.92 -17.13
C SER C 29 18.76 -30.23 -15.60
N MET C 30 17.57 -30.27 -14.99
CA MET C 30 17.41 -30.63 -13.57
C MET C 30 16.61 -31.92 -13.33
N GLY C 31 16.42 -32.69 -14.40
CA GLY C 31 15.70 -33.97 -14.32
C GLY C 31 14.51 -34.08 -15.28
N ASP C 32 13.91 -35.26 -15.33
CA ASP C 32 12.75 -35.57 -16.19
C ASP C 32 11.44 -35.25 -15.53
N ILE C 33 10.56 -34.68 -16.34
CA ILE C 33 9.18 -34.39 -15.93
C ILE C 33 8.23 -35.19 -16.83
N HIS C 34 7.58 -36.20 -16.29
CA HIS C 34 6.70 -37.07 -17.07
C HIS C 34 5.33 -36.39 -17.01
N THR C 35 4.71 -36.17 -18.16
CA THR C 35 3.41 -35.49 -18.20
C THR C 35 2.38 -36.34 -18.95
N LYS C 36 1.22 -36.55 -18.36
CA LYS C 36 0.10 -37.11 -19.12
C LYS C 36 -0.51 -35.92 -19.84
N LEU C 37 -1.05 -36.15 -21.04
CA LEU C 37 -1.66 -35.09 -21.87
C LEU C 37 -3.13 -35.42 -22.10
N PHE C 38 -3.91 -34.41 -22.53
CA PHE C 38 -5.37 -34.51 -22.67
C PHE C 38 -5.79 -34.22 -24.12
N PRO C 39 -5.37 -35.08 -25.08
CA PRO C 39 -5.69 -34.84 -26.50
C PRO C 39 -7.19 -34.94 -26.85
N VAL C 40 -7.98 -35.68 -26.08
CA VAL C 40 -9.41 -35.79 -26.43
C VAL C 40 -10.12 -34.45 -26.18
N GLU C 41 -9.80 -33.83 -25.05
CA GLU C 41 -10.38 -32.55 -24.68
C GLU C 41 -9.77 -31.35 -25.41
N CYS C 42 -8.46 -31.45 -25.68
CA CYS C 42 -7.65 -30.35 -26.19
C CYS C 42 -6.87 -30.82 -27.42
N PRO C 43 -7.60 -31.22 -28.47
CA PRO C 43 -6.88 -31.85 -29.57
C PRO C 43 -5.87 -30.90 -30.24
N LYS C 44 -6.23 -29.63 -30.42
CA LYS C 44 -5.30 -28.73 -31.11
C LYS C 44 -4.09 -28.43 -30.21
N THR C 45 -4.36 -28.21 -28.93
CA THR C 45 -3.26 -27.86 -28.01
C THR C 45 -2.29 -29.04 -27.88
N VAL C 46 -2.81 -30.25 -27.72
CA VAL C 46 -1.92 -31.41 -27.66
C VAL C 46 -1.18 -31.64 -28.99
N GLU C 47 -1.86 -31.46 -30.13
CA GLU C 47 -1.18 -31.60 -31.42
C GLU C 47 -0.02 -30.62 -31.54
N ASN C 48 -0.27 -29.36 -31.18
CA ASN C 48 0.73 -28.31 -31.24
C ASN C 48 1.95 -28.72 -30.41
N PHE C 49 1.66 -29.17 -29.20
CA PHE C 49 2.74 -29.55 -28.26
C PHE C 49 3.52 -30.77 -28.75
N CYS C 50 2.82 -31.79 -29.21
CA CYS C 50 3.50 -33.03 -29.63
C CYS C 50 4.33 -32.83 -30.90
N VAL C 51 3.76 -32.10 -31.86
CA VAL C 51 4.49 -31.86 -33.11
C VAL C 51 5.73 -31.02 -32.86
N HIS C 52 5.59 -29.89 -32.13
CA HIS C 52 6.76 -29.11 -31.72
C HIS C 52 7.77 -30.01 -31.02
N SER C 53 7.31 -30.84 -30.08
CA SER C 53 8.23 -31.69 -29.36
C SER C 53 9.03 -32.64 -30.27
N ARG C 54 8.31 -33.38 -31.12
CA ARG C 54 8.92 -34.30 -32.10
C ARG C 54 9.89 -33.57 -33.03
N ASN C 55 9.53 -32.33 -33.39
CA ASN C 55 10.35 -31.51 -34.29
C ASN C 55 11.57 -30.94 -33.59
N GLY C 56 11.63 -31.09 -32.27
CA GLY C 56 12.74 -30.55 -31.51
C GLY C 56 12.66 -29.03 -31.33
N TYR C 57 11.47 -28.45 -31.55
CA TYR C 57 11.29 -27.04 -31.38
C TYR C 57 11.71 -26.54 -29.98
N TYR C 58 11.35 -27.28 -28.92
CA TYR C 58 11.65 -26.81 -27.56
C TYR C 58 13.07 -27.12 -27.06
N ASN C 59 13.86 -27.79 -27.89
CA ASN C 59 15.21 -28.16 -27.50
C ASN C 59 16.03 -26.93 -27.13
N GLY C 60 16.58 -26.98 -25.93
CA GLY C 60 17.38 -25.90 -25.37
C GLY C 60 16.65 -24.65 -24.92
N HIS C 61 15.30 -24.65 -25.01
CA HIS C 61 14.56 -23.54 -24.41
C HIS C 61 14.84 -23.48 -22.94
N THR C 62 14.82 -22.28 -22.37
CA THR C 62 15.00 -22.16 -20.93
C THR C 62 13.64 -21.99 -20.22
N PHE C 63 13.60 -22.23 -18.92
CA PHE C 63 12.47 -21.75 -18.09
C PHE C 63 12.75 -20.29 -17.80
N HIS C 64 12.22 -19.42 -18.66
CA HIS C 64 12.59 -18.00 -18.66
C HIS C 64 11.89 -17.21 -17.59
N ARG C 65 10.81 -17.78 -17.02
CA ARG C 65 10.06 -17.08 -16.01
C ARG C 65 9.67 -18.07 -14.96
N ILE C 66 10.13 -17.83 -13.74
CA ILE C 66 9.84 -18.77 -12.64
C ILE C 66 9.37 -17.98 -11.44
N ILE C 67 8.24 -18.38 -10.88
CA ILE C 67 7.68 -17.68 -9.72
C ILE C 67 7.45 -18.69 -8.61
N LYS C 68 8.27 -18.57 -7.57
CA LYS C 68 8.24 -19.50 -6.47
C LYS C 68 6.83 -19.59 -5.90
N GLY C 69 6.39 -20.81 -5.61
CA GLY C 69 5.05 -21.03 -5.08
C GLY C 69 3.91 -20.80 -6.07
N PHE C 70 4.24 -20.67 -7.36
CA PHE C 70 3.21 -20.43 -8.38
C PHE C 70 3.40 -21.39 -9.55
N MET C 71 4.43 -21.14 -10.36
CA MET C 71 4.61 -21.92 -11.58
C MET C 71 5.93 -21.65 -12.24
N ILE C 72 6.28 -22.53 -13.15
CA ILE C 72 7.49 -22.40 -13.98
C ILE C 72 7.07 -22.36 -15.44
N GLN C 73 7.66 -21.44 -16.19
CA GLN C 73 7.20 -21.17 -17.56
C GLN C 73 8.33 -21.26 -18.56
N THR C 74 8.01 -21.74 -19.76
CA THR C 74 9.02 -22.03 -20.77
C THR C 74 8.38 -22.02 -22.15
N GLY C 75 9.15 -22.42 -23.17
CA GLY C 75 8.62 -22.62 -24.49
C GLY C 75 8.81 -21.43 -25.41
N ASP C 76 9.61 -20.45 -24.96
CA ASP C 76 9.91 -19.25 -25.78
C ASP C 76 11.33 -19.33 -26.41
N PRO C 77 11.42 -19.49 -27.74
CA PRO C 77 12.79 -19.61 -28.32
C PRO C 77 13.64 -18.38 -28.06
N THR C 78 13.02 -17.24 -27.77
CA THR C 78 13.76 -15.98 -27.51
C THR C 78 14.15 -15.80 -26.05
N GLY C 79 13.51 -16.59 -25.18
CA GLY C 79 13.67 -16.45 -23.74
C GLY C 79 13.21 -15.12 -23.11
N THR C 80 12.41 -14.33 -23.81
CA THR C 80 11.96 -13.02 -23.27
C THR C 80 10.55 -13.01 -22.70
N GLY C 81 9.74 -13.99 -23.10
CA GLY C 81 8.32 -14.02 -22.78
C GLY C 81 7.50 -13.51 -23.94
N MET C 82 8.15 -12.95 -24.96
CA MET C 82 7.39 -12.39 -26.07
C MET C 82 7.35 -13.25 -27.36
N GLY C 83 8.05 -14.39 -27.37
CA GLY C 83 8.21 -15.14 -28.61
C GLY C 83 7.51 -16.48 -28.63
N GLY C 84 7.78 -17.23 -29.69
CA GLY C 84 7.20 -18.54 -29.90
C GLY C 84 5.95 -18.43 -30.76
N GLU C 85 5.65 -19.51 -31.48
CA GLU C 85 4.39 -19.57 -32.20
C GLU C 85 3.95 -21.02 -32.35
N SER C 86 2.70 -21.19 -32.79
CA SER C 86 2.17 -22.52 -33.04
C SER C 86 2.83 -23.21 -34.23
N ILE C 87 2.54 -24.51 -34.37
CA ILE C 87 3.00 -25.32 -35.49
C ILE C 87 2.31 -24.85 -36.80
N TRP C 88 1.27 -24.04 -36.67
CA TRP C 88 0.53 -23.51 -37.85
C TRP C 88 1.06 -22.11 -38.27
N GLY C 89 2.05 -21.65 -37.52
CA GLY C 89 2.76 -20.40 -37.77
C GLY C 89 2.26 -19.11 -37.17
N GLY C 90 1.32 -19.17 -36.23
CA GLY C 90 0.81 -17.99 -35.54
C GLY C 90 0.20 -18.39 -34.20
N GLU C 91 -1.00 -17.87 -33.89
CA GLU C 91 -1.71 -18.17 -32.62
C GLU C 91 -2.93 -19.06 -32.85
N PHE C 92 -3.39 -19.76 -31.81
CA PHE C 92 -4.56 -20.59 -31.94
C PHE C 92 -5.46 -20.54 -30.71
N GLU C 93 -6.64 -21.12 -30.86
CA GLU C 93 -7.72 -20.99 -29.89
C GLU C 93 -7.48 -21.72 -28.56
N ASP C 94 -8.01 -21.13 -27.50
CA ASP C 94 -8.20 -21.83 -26.21
C ASP C 94 -9.09 -23.08 -26.38
N GLU C 95 -8.83 -24.09 -25.54
CA GLU C 95 -9.57 -25.35 -25.51
C GLU C 95 -9.93 -25.68 -24.05
N PHE C 96 -10.88 -24.93 -23.49
CA PHE C 96 -11.30 -25.16 -22.11
C PHE C 96 -12.21 -26.36 -22.06
N HIS C 97 -12.26 -27.01 -20.90
CA HIS C 97 -13.15 -28.17 -20.74
C HIS C 97 -13.52 -28.25 -19.28
N SER C 98 -14.81 -28.52 -18.97
CA SER C 98 -15.29 -28.48 -17.56
C SER C 98 -14.53 -29.49 -16.69
N THR C 99 -14.00 -30.57 -17.30
CA THR C 99 -13.34 -31.63 -16.53
C THR C 99 -11.88 -31.30 -16.24
N LEU C 100 -11.38 -30.22 -16.86
CA LEU C 100 -9.93 -29.89 -16.74
C LEU C 100 -9.76 -28.55 -16.07
N ARG C 101 -9.23 -28.60 -14.84
CA ARG C 101 -9.14 -27.41 -14.03
C ARG C 101 -7.77 -27.37 -13.34
N HIS C 102 -7.41 -26.19 -12.87
CA HIS C 102 -6.17 -26.01 -12.12
C HIS C 102 -6.41 -26.28 -10.63
N ASP C 103 -7.11 -27.36 -10.30
CA ASP C 103 -7.50 -27.62 -8.93
C ASP C 103 -6.47 -28.47 -8.19
N ARG C 104 -5.38 -28.76 -8.86
CA ARG C 104 -4.34 -29.57 -8.27
C ARG C 104 -2.99 -29.10 -8.77
N PRO C 105 -1.93 -29.35 -7.99
CA PRO C 105 -0.65 -28.79 -8.41
C PRO C 105 -0.14 -29.58 -9.60
N TYR C 106 0.88 -29.04 -10.27
CA TYR C 106 1.54 -29.73 -11.38
C TYR C 106 0.66 -29.88 -12.62
N THR C 107 -0.21 -28.91 -12.82
CA THR C 107 -0.97 -28.80 -14.05
C THR C 107 -0.14 -28.12 -15.16
N LEU C 108 -0.23 -28.70 -16.36
CA LEU C 108 0.46 -28.23 -17.56
C LEU C 108 -0.54 -27.42 -18.38
N SER C 109 -0.21 -26.15 -18.66
CA SER C 109 -1.20 -25.23 -19.27
C SER C 109 -0.52 -24.28 -20.23
N MET C 110 -1.27 -23.76 -21.21
CA MET C 110 -0.68 -22.80 -22.17
C MET C 110 -0.55 -21.42 -21.54
N ALA C 111 0.52 -20.73 -21.91
CA ALA C 111 0.87 -19.45 -21.26
C ALA C 111 -0.09 -18.36 -21.76
N ASN C 112 0.03 -18.01 -23.04
CA ASN C 112 -0.81 -17.02 -23.74
C ASN C 112 -0.65 -15.57 -23.31
N ALA C 113 -1.22 -14.65 -24.10
CA ALA C 113 -1.25 -13.22 -23.73
C ALA C 113 -2.65 -12.66 -24.07
N GLY C 114 -3.67 -13.30 -23.52
CA GLY C 114 -5.08 -12.96 -23.79
C GLY C 114 -5.86 -14.09 -24.45
N SER C 115 -7.17 -13.88 -24.63
CA SER C 115 -8.06 -14.86 -25.23
C SER C 115 -7.58 -15.30 -26.61
N ASN C 116 -7.54 -16.63 -26.82
CA ASN C 116 -7.16 -17.24 -28.09
C ASN C 116 -5.84 -16.77 -28.66
N THR C 117 -4.78 -16.74 -27.83
CA THR C 117 -3.46 -16.27 -28.28
C THR C 117 -2.39 -17.31 -27.99
N ASN C 118 -2.78 -18.58 -28.02
CA ASN C 118 -1.81 -19.66 -27.76
C ASN C 118 -0.75 -19.78 -28.84
N GLY C 119 0.51 -19.94 -28.42
CA GLY C 119 1.63 -20.05 -29.36
C GLY C 119 2.40 -21.32 -29.06
N SER C 120 3.55 -21.17 -28.39
CA SER C 120 4.30 -22.33 -27.99
C SER C 120 4.59 -22.34 -26.49
N GLN C 121 4.51 -21.18 -25.84
CA GLN C 121 4.84 -21.14 -24.39
C GLN C 121 3.79 -21.80 -23.51
N PHE C 122 4.28 -22.48 -22.47
CA PHE C 122 3.43 -23.20 -21.53
C PHE C 122 4.06 -23.11 -20.16
N PHE C 123 3.31 -23.54 -19.14
CA PHE C 123 3.83 -23.53 -17.78
C PHE C 123 3.30 -24.71 -17.02
N ILE C 124 3.93 -24.98 -15.88
CA ILE C 124 3.52 -26.07 -15.00
C ILE C 124 3.41 -25.46 -13.61
N THR C 125 2.26 -25.63 -12.98
CA THR C 125 2.03 -25.02 -11.66
C THR C 125 2.68 -25.90 -10.55
N VAL C 126 2.89 -25.32 -9.37
CA VAL C 126 3.39 -26.08 -8.21
C VAL C 126 2.37 -26.10 -7.03
N VAL C 127 1.20 -25.48 -7.26
CA VAL C 127 0.11 -25.34 -6.32
C VAL C 127 -1.21 -25.27 -7.14
N PRO C 128 -2.35 -25.51 -6.49
CA PRO C 128 -3.65 -25.23 -7.18
C PRO C 128 -3.71 -23.75 -7.57
N THR C 129 -4.22 -23.47 -8.78
CA THR C 129 -4.28 -22.11 -9.30
C THR C 129 -5.64 -21.92 -9.99
N PRO C 130 -6.75 -22.13 -9.22
CA PRO C 130 -8.08 -22.09 -9.83
C PRO C 130 -8.44 -20.77 -10.50
N TRP C 131 -7.81 -19.66 -10.10
CA TRP C 131 -8.06 -18.35 -10.76
C TRP C 131 -7.64 -18.38 -12.22
N LEU C 132 -6.88 -19.43 -12.62
CA LEU C 132 -6.49 -19.57 -14.03
C LEU C 132 -7.50 -20.35 -14.87
N ASP C 133 -8.48 -20.99 -14.23
CA ASP C 133 -9.50 -21.78 -14.96
C ASP C 133 -10.24 -20.91 -15.97
N ASN C 134 -10.43 -21.43 -17.17
CA ASN C 134 -11.09 -20.71 -18.24
C ASN C 134 -10.38 -19.44 -18.68
N LYS C 135 -9.10 -19.36 -18.34
CA LYS C 135 -8.21 -18.32 -18.88
C LYS C 135 -7.01 -18.98 -19.59
N HIS C 136 -6.54 -20.11 -19.07
CA HIS C 136 -5.43 -20.85 -19.72
C HIS C 136 -5.86 -22.26 -20.03
N THR C 137 -5.52 -22.74 -21.23
CA THR C 137 -5.83 -24.13 -21.60
C THR C 137 -5.03 -25.11 -20.75
N VAL C 138 -5.73 -26.00 -20.03
CA VAL C 138 -5.10 -27.09 -19.26
C VAL C 138 -4.99 -28.27 -20.23
N PHE C 139 -3.77 -28.70 -20.50
CA PHE C 139 -3.62 -29.78 -21.48
C PHE C 139 -2.82 -30.98 -21.02
N GLY C 140 -2.40 -30.97 -19.73
CA GLY C 140 -1.75 -32.14 -19.16
C GLY C 140 -1.53 -32.00 -17.65
N ARG C 141 -0.84 -32.98 -17.09
CA ARG C 141 -0.60 -33.01 -15.64
C ARG C 141 0.69 -33.79 -15.42
N VAL C 142 1.55 -33.36 -14.52
CA VAL C 142 2.76 -34.17 -14.23
C VAL C 142 2.38 -35.45 -13.46
N THR C 143 2.98 -36.58 -13.83
CA THR C 143 2.70 -37.88 -13.17
C THR C 143 3.92 -38.41 -12.40
N LYS C 144 5.06 -37.93 -12.85
CA LYS C 144 6.34 -38.31 -12.23
C LYS C 144 7.35 -37.19 -12.42
N GLY C 145 8.19 -36.93 -11.40
CA GLY C 145 9.13 -35.79 -11.50
C GLY C 145 8.59 -34.55 -10.83
N MET C 146 7.65 -34.76 -9.91
CA MET C 146 7.09 -33.66 -9.11
C MET C 146 8.18 -32.94 -8.31
N GLU C 147 9.16 -33.69 -7.83
CA GLU C 147 10.22 -33.05 -7.07
C GLU C 147 11.09 -32.21 -8.00
N VAL C 148 11.19 -32.64 -9.27
CA VAL C 148 11.94 -31.86 -10.26
C VAL C 148 11.27 -30.50 -10.48
N VAL C 149 9.96 -30.53 -10.73
CA VAL C 149 9.22 -29.29 -10.83
C VAL C 149 9.41 -28.39 -9.59
N GLN C 150 9.26 -28.96 -8.41
CA GLN C 150 9.49 -28.19 -7.15
C GLN C 150 10.89 -27.54 -7.14
N ARG C 151 11.92 -28.33 -7.46
CA ARG C 151 13.30 -27.85 -7.45
C ARG C 151 13.46 -26.67 -8.41
N ILE C 152 12.89 -26.82 -9.60
CA ILE C 152 13.02 -25.79 -10.61
C ILE C 152 12.37 -24.53 -10.09
N SER C 153 11.19 -24.66 -9.44
CA SER C 153 10.43 -23.47 -9.01
C SER C 153 11.14 -22.67 -7.93
N ASN C 154 12.09 -23.33 -7.28
CA ASN C 154 12.85 -22.69 -6.18
C ASN C 154 14.25 -22.14 -6.54
N VAL C 155 14.65 -22.22 -7.80
CA VAL C 155 15.93 -21.62 -8.20
C VAL C 155 15.94 -20.09 -8.00
N LYS C 156 17.14 -19.50 -7.88
CA LYS C 156 17.23 -18.06 -7.68
C LYS C 156 17.02 -17.34 -8.98
N VAL C 157 16.15 -16.35 -8.93
CA VAL C 157 15.84 -15.53 -10.09
C VAL C 157 16.16 -14.06 -9.84
N ASN C 158 16.36 -13.33 -10.92
CA ASN C 158 16.45 -11.86 -10.85
C ASN C 158 15.06 -11.36 -10.49
N PRO C 159 14.93 -10.70 -9.32
CA PRO C 159 13.59 -10.30 -8.87
C PRO C 159 12.92 -9.25 -9.74
N LYS C 160 13.67 -8.63 -10.65
CA LYS C 160 13.11 -7.63 -11.53
C LYS C 160 12.49 -8.24 -12.80
N THR C 161 12.81 -9.51 -13.08
CA THR C 161 12.34 -10.16 -14.32
C THR C 161 11.80 -11.57 -14.10
N ASP C 162 12.11 -12.16 -12.95
CA ASP C 162 11.81 -13.56 -12.67
C ASP C 162 12.50 -14.53 -13.61
N LYS C 163 13.62 -14.11 -14.19
CA LYS C 163 14.46 -14.98 -15.01
C LYS C 163 15.57 -15.61 -14.14
N PRO C 164 15.71 -16.94 -14.19
CA PRO C 164 16.77 -17.57 -13.36
C PRO C 164 18.18 -17.03 -13.70
N TYR C 165 19.01 -16.81 -12.67
CA TYR C 165 20.37 -16.32 -12.96
C TYR C 165 21.16 -17.34 -13.76
N GLU C 166 20.96 -18.62 -13.45
CA GLU C 166 21.54 -19.73 -14.23
C GLU C 166 20.42 -20.35 -15.03
N ASP C 167 20.69 -20.62 -16.31
CA ASP C 167 19.63 -21.17 -17.17
C ASP C 167 19.24 -22.56 -16.67
N VAL C 168 17.94 -22.83 -16.62
CA VAL C 168 17.44 -24.20 -16.52
C VAL C 168 16.78 -24.44 -17.88
N SER C 169 17.17 -25.53 -18.55
CA SER C 169 16.91 -25.80 -19.94
C SER C 169 16.02 -27.03 -20.10
N ILE C 170 15.17 -27.01 -21.14
CA ILE C 170 14.66 -28.22 -21.73
C ILE C 170 15.74 -28.76 -22.66
N ILE C 171 16.15 -30.02 -22.42
CA ILE C 171 17.05 -30.69 -23.34
C ILE C 171 16.30 -31.14 -24.61
N ASN C 172 15.27 -31.97 -24.42
CA ASN C 172 14.32 -32.35 -25.46
C ASN C 172 13.07 -32.86 -24.78
N ILE C 173 12.04 -33.11 -25.57
CA ILE C 173 10.78 -33.64 -25.06
C ILE C 173 10.47 -34.85 -25.90
N THR C 174 10.29 -35.98 -25.21
CA THR C 174 10.00 -37.24 -25.84
C THR C 174 8.53 -37.57 -25.78
N VAL C 175 7.89 -37.60 -26.95
CA VAL C 175 6.48 -37.96 -27.05
C VAL C 175 6.28 -39.46 -27.16
N LYS C 176 5.44 -40.04 -26.29
CA LYS C 176 5.20 -41.48 -26.34
C LYS C 176 4.41 -41.91 -27.58
C1 GOL D . 5.43 -18.72 -2.03
O1 GOL D . 6.60 -18.50 -2.77
C2 GOL D . 4.49 -17.54 -2.24
O2 GOL D . 3.95 -17.59 -3.55
C3 GOL D . 3.39 -17.80 -1.22
O3 GOL D . 2.20 -17.23 -1.68
#